data_8WKJ
#
_entry.id   8WKJ
#
_cell.length_a   105.425
_cell.length_b   105.425
_cell.length_c   165.471
_cell.angle_alpha   90.000
_cell.angle_beta   90.000
_cell.angle_gamma   90.000
#
_symmetry.space_group_name_H-M   'I 41 2 2'
#
loop_
_entity.id
_entity.type
_entity.pdbx_description
1 polymer Aminotransferase
2 non-polymer "PYRIDOXAL-5'-PHOSPHATE"
3 water water
#
_entity_poly.entity_id   1
_entity_poly.type   'polypeptide(L)'
_entity_poly.pdbx_seq_one_letter_code
;MHHHHHHMDIALAKRVQKVKPSPTLAVAAKAAQMKAQGLDIIGLGTGEPDFDTPQHIKLAAISAIEAGDTKYTAVDGIVE
LKEAVKNKFKRDNELDYQLNQILVSVGGKQSCYNLCQAYLNPGDEVIIPAPYWVSYPDMVLLADGVPVIIETTPAQRYKI
NAQQLEQAITPKTRMIFLNSPSNPSGIAYTQNELKELGDVLKKHPQILIATDDMYEHIIWSQPFTNILNACPELYDRTIV
LNGVSKAYAMTGWRIGYAAGPAPLINAMKTIQSQSTSNPCSIAQRAAVAALNGSNESIEEMVNAFHQRHDYVADRLQSID
GIEVIPADGTFYIFPSVQAIIEKRGYANDIEFSEKLLNEVGVALVPGSAFGTEGCIRISFATGIDTLKDALNRLQRFCS
;
_entity_poly.pdbx_strand_id   A
#
# COMPACT_ATOMS: atom_id res chain seq x y z
N MET A 8 -22.36 -33.06 -4.19
CA MET A 8 -22.59 -31.64 -3.90
C MET A 8 -21.28 -30.87 -3.80
N ASP A 9 -21.26 -29.68 -4.39
CA ASP A 9 -20.15 -28.77 -4.21
C ASP A 9 -20.07 -28.31 -2.76
N ILE A 10 -18.84 -28.14 -2.28
CA ILE A 10 -18.64 -27.57 -0.95
C ILE A 10 -19.07 -26.11 -0.97
N ALA A 11 -19.96 -25.74 -0.06
CA ALA A 11 -20.39 -24.35 0.05
C ALA A 11 -19.31 -23.51 0.71
N LEU A 12 -19.32 -22.20 0.39
CA LEU A 12 -18.35 -21.27 0.94
C LEU A 12 -19.00 -20.42 2.04
N ALA A 13 -18.20 -20.08 3.05
CA ALA A 13 -18.67 -19.23 4.14
C ALA A 13 -19.30 -17.96 3.60
N LYS A 14 -20.33 -17.48 4.29
CA LYS A 14 -20.96 -16.23 3.91
C LYS A 14 -19.96 -15.07 3.85
N ARG A 15 -18.98 -15.05 4.77
CA ARG A 15 -18.06 -13.91 4.77
C ARG A 15 -17.21 -13.87 3.51
N VAL A 16 -16.85 -15.02 2.95
CA VAL A 16 -15.97 -15.00 1.79
C VAL A 16 -16.78 -14.72 0.51
N GLN A 17 -18.10 -14.92 0.54
CA GLN A 17 -18.93 -14.50 -0.59
C GLN A 17 -19.03 -12.98 -0.69
N LYS A 18 -18.62 -12.25 0.34
CA LYS A 18 -18.66 -10.79 0.31
C LYS A 18 -17.55 -10.18 -0.51
N VAL A 19 -16.50 -10.93 -0.82
CA VAL A 19 -15.30 -10.35 -1.41
C VAL A 19 -15.08 -10.94 -2.80
N LYS A 20 -14.45 -10.13 -3.68
CA LYS A 20 -14.00 -10.47 -5.02
C LYS A 20 -12.47 -10.49 -5.05
N SER A 22 -8.40 -10.37 -5.27
CA SER A 22 -7.48 -9.24 -5.38
C SER A 22 -7.08 -8.96 -6.82
N PRO A 23 -7.57 -7.85 -7.41
CA PRO A 23 -7.30 -7.60 -8.83
C PRO A 23 -5.87 -7.14 -9.14
N THR A 24 -5.08 -6.70 -8.15
CA THR A 24 -3.68 -6.42 -8.41
C THR A 24 -2.88 -7.70 -8.58
N LEU A 25 -3.09 -8.69 -7.69
CA LEU A 25 -2.46 -9.98 -7.86
C LEU A 25 -3.05 -10.75 -9.05
N ALA A 26 -4.27 -10.40 -9.48
CA ALA A 26 -4.87 -11.05 -10.64
C ALA A 26 -4.26 -10.56 -11.95
N VAL A 27 -4.06 -9.24 -12.09
CA VAL A 27 -3.34 -8.73 -13.26
C VAL A 27 -1.95 -9.33 -13.33
N ALA A 28 -1.30 -9.49 -12.16
CA ALA A 28 0.03 -10.09 -12.14
C ALA A 28 0.01 -11.51 -12.67
N ALA A 29 -1.04 -12.27 -12.33
CA ALA A 29 -1.14 -13.66 -12.79
C ALA A 29 -1.45 -13.71 -14.28
N LYS A 30 -2.29 -12.79 -14.78
CA LYS A 30 -2.57 -12.75 -16.21
C LYS A 30 -1.34 -12.32 -17.01
N ALA A 31 -0.57 -11.35 -16.49
CA ALA A 31 0.63 -10.92 -17.19
C ALA A 31 1.67 -12.04 -17.26
N ALA A 32 1.90 -12.73 -16.15
CA ALA A 32 2.83 -13.85 -16.14
C ALA A 32 2.37 -14.95 -17.09
N GLN A 33 1.05 -15.11 -17.21
CA GLN A 33 0.49 -16.15 -18.07
C GLN A 33 0.71 -15.83 -19.54
N MET A 34 0.41 -14.59 -19.96
CA MET A 34 0.59 -14.22 -21.37
C MET A 34 2.06 -14.15 -21.76
N LYS A 35 2.94 -13.77 -20.82
CA LYS A 35 4.37 -13.89 -21.06
C LYS A 35 4.76 -15.35 -21.26
N ALA A 36 4.14 -16.26 -20.50
CA ALA A 36 4.43 -17.68 -20.65
C ALA A 36 4.07 -18.20 -22.04
N GLN A 37 3.00 -17.68 -22.63
CA GLN A 37 2.66 -18.05 -24.01
C GLN A 37 3.62 -17.48 -25.05
N GLY A 38 4.62 -16.73 -24.64
CA GLY A 38 5.58 -16.18 -25.57
C GLY A 38 5.21 -14.85 -26.17
N LEU A 39 4.19 -14.18 -25.66
CA LEU A 39 3.77 -12.91 -26.25
C LEU A 39 4.61 -11.75 -25.72
N ASP A 40 4.58 -10.64 -26.46
CA ASP A 40 5.39 -9.46 -26.16
C ASP A 40 4.64 -8.58 -25.16
N ILE A 41 4.85 -8.86 -23.88
CA ILE A 41 4.08 -8.24 -22.79
C ILE A 41 5.02 -7.39 -21.95
N ILE A 42 4.60 -6.15 -21.66
CA ILE A 42 5.28 -5.31 -20.69
C ILE A 42 4.34 -5.14 -19.50
N GLY A 43 4.83 -5.49 -18.32
CA GLY A 43 4.03 -5.42 -17.12
C GLY A 43 4.19 -4.11 -16.38
N LEU A 44 3.21 -3.22 -16.52
CA LEU A 44 3.15 -1.98 -15.75
C LEU A 44 2.16 -2.08 -14.60
N GLY A 45 1.82 -3.30 -14.18
CA GLY A 45 0.92 -3.48 -13.07
C GLY A 45 1.58 -3.90 -11.78
N THR A 46 2.91 -3.93 -11.72
CA THR A 46 3.61 -4.54 -10.61
C THR A 46 3.42 -3.72 -9.32
N GLY A 47 3.46 -4.43 -8.19
CA GLY A 47 3.27 -3.78 -6.91
C GLY A 47 4.49 -3.93 -6.02
N GLU A 48 5.67 -4.08 -6.62
CA GLU A 48 6.89 -4.27 -5.86
C GLU A 48 8.03 -3.61 -6.61
N PRO A 49 9.10 -3.24 -5.90
CA PRO A 49 10.31 -2.75 -6.59
C PRO A 49 10.90 -3.79 -7.53
N ASP A 50 11.51 -3.29 -8.63
CA ASP A 50 12.24 -4.20 -9.51
C ASP A 50 13.62 -4.54 -8.97
N PHE A 51 14.19 -3.67 -8.13
CA PHE A 51 15.48 -3.94 -7.51
C PHE A 51 15.41 -5.19 -6.65
N ASP A 52 16.52 -5.94 -6.59
CA ASP A 52 16.62 -7.06 -5.66
C ASP A 52 16.81 -6.56 -4.24
N THR A 53 16.61 -7.46 -3.28
CA THR A 53 16.93 -7.16 -1.90
C THR A 53 18.40 -6.75 -1.78
N PRO A 54 18.71 -5.66 -1.07
CA PRO A 54 20.11 -5.24 -0.92
C PRO A 54 21.01 -6.36 -0.37
N GLN A 55 22.27 -6.34 -0.82
CA GLN A 55 23.18 -7.45 -0.52
C GLN A 55 23.42 -7.63 0.98
N HIS A 56 23.51 -6.53 1.75
CA HIS A 56 23.77 -6.72 3.17
C HIS A 56 22.61 -7.40 3.88
N ILE A 57 21.39 -7.18 3.39
CA ILE A 57 20.24 -7.90 3.96
C ILE A 57 20.28 -9.37 3.56
N LYS A 58 20.57 -9.66 2.29
CA LYS A 58 20.73 -11.04 1.86
C LYS A 58 21.77 -11.76 2.70
N LEU A 59 22.91 -11.11 2.95
CA LEU A 59 23.98 -11.76 3.70
C LEU A 59 23.54 -12.08 5.13
N ALA A 60 22.73 -11.19 5.73
CA ALA A 60 22.22 -11.46 7.07
C ALA A 60 21.26 -12.63 7.07
N ALA A 61 20.46 -12.77 6.00
CA ALA A 61 19.57 -13.92 5.91
C ALA A 61 20.38 -15.20 5.76
N ILE A 62 21.39 -15.18 4.91
CA ILE A 62 22.21 -16.38 4.73
C ILE A 62 22.92 -16.74 6.02
N SER A 63 23.42 -15.74 6.76
CA SER A 63 24.07 -16.03 8.04
C SER A 63 23.11 -16.66 9.03
N ALA A 64 21.84 -16.22 9.01
CA ALA A 64 20.83 -16.81 9.89
C ALA A 64 20.54 -18.26 9.51
N ILE A 65 20.49 -18.55 8.22
CA ILE A 65 20.28 -19.93 7.77
C ILE A 65 21.42 -20.80 8.24
N GLU A 66 22.65 -20.33 8.04
CA GLU A 66 23.82 -21.12 8.44
C GLU A 66 23.87 -21.30 9.95
N ALA A 67 23.37 -20.33 10.71
CA ALA A 67 23.39 -20.44 12.16
C ALA A 67 22.27 -21.31 12.72
N GLY A 68 21.35 -21.79 11.88
CA GLY A 68 20.26 -22.62 12.37
C GLY A 68 19.11 -21.85 12.97
N ASP A 69 18.87 -20.62 12.52
CA ASP A 69 17.75 -19.80 12.99
C ASP A 69 16.47 -20.20 12.26
N THR A 70 16.10 -21.46 12.46
CA THR A 70 15.06 -22.12 11.68
C THR A 70 13.89 -22.57 12.53
N LYS A 71 13.72 -21.99 13.72
CA LYS A 71 12.75 -22.43 14.72
C LYS A 71 11.63 -21.42 14.87
N TYR A 72 10.56 -21.85 15.54
CA TYR A 72 9.58 -20.90 16.03
C TYR A 72 10.26 -19.81 16.84
N THR A 73 9.72 -18.60 16.74
CA THR A 73 10.15 -17.46 17.53
C THR A 73 8.93 -16.96 18.31
N ALA A 74 9.15 -15.94 19.14
CA ALA A 74 8.01 -15.20 19.68
C ALA A 74 7.07 -14.83 18.54
N VAL A 75 5.77 -15.02 18.76
CA VAL A 75 4.80 -14.82 17.69
C VAL A 75 4.90 -13.41 17.12
N ASP A 76 5.15 -12.42 17.98
CA ASP A 76 5.16 -11.02 17.60
C ASP A 76 6.54 -10.51 17.18
N GLY A 77 7.53 -11.41 17.02
CA GLY A 77 8.83 -11.03 16.50
C GLY A 77 9.95 -11.25 17.49
N ILE A 78 11.11 -11.69 16.98
CA ILE A 78 12.30 -11.79 17.84
C ILE A 78 12.61 -10.44 18.44
N VAL A 79 13.22 -10.46 19.63
CA VAL A 79 13.39 -9.20 20.37
C VAL A 79 14.29 -8.24 19.60
N GLU A 80 15.28 -8.76 18.86
CA GLU A 80 16.14 -7.87 18.07
C GLU A 80 15.34 -7.11 17.01
N LEU A 81 14.28 -7.73 16.48
CA LEU A 81 13.50 -7.05 15.46
C LEU A 81 12.49 -6.09 16.08
N LYS A 82 11.85 -6.49 17.19
CA LYS A 82 10.97 -5.56 17.88
C LYS A 82 11.76 -4.33 18.36
N GLU A 83 12.99 -4.53 18.83
CA GLU A 83 13.83 -3.40 19.22
C GLU A 83 14.19 -2.53 18.02
N ALA A 84 14.52 -3.16 16.88
CA ALA A 84 14.84 -2.38 15.68
C ALA A 84 13.65 -1.55 15.24
N VAL A 85 12.44 -2.10 15.36
CA VAL A 85 11.23 -1.34 15.02
C VAL A 85 11.05 -0.18 15.97
N LYS A 86 11.19 -0.44 17.28
CA LYS A 86 11.09 0.62 18.27
C LYS A 86 12.05 1.77 17.95
N ASN A 87 13.30 1.43 17.64
CA ASN A 87 14.30 2.45 17.35
C ASN A 87 13.99 3.16 16.03
N LYS A 88 13.46 2.43 15.05
CA LYS A 88 13.09 3.05 13.77
C LYS A 88 12.00 4.09 13.97
N PHE A 89 10.97 3.77 14.76
CA PHE A 89 9.88 4.73 14.94
C PHE A 89 10.37 5.99 15.65
N LYS A 90 11.32 5.85 16.58
CA LYS A 90 11.85 7.01 17.28
C LYS A 90 12.75 7.82 16.34
N ARG A 91 13.64 7.14 15.63
CA ARG A 91 14.63 7.78 14.79
C ARG A 91 13.99 8.49 13.60
N ASP A 92 13.09 7.80 12.88
CA ASP A 92 12.47 8.31 11.67
C ASP A 92 11.24 9.17 11.93
N ASN A 93 10.41 8.79 12.89
CA ASN A 93 9.09 9.39 13.02
C ASN A 93 8.88 10.14 14.34
N GLU A 94 9.90 10.20 15.20
CA GLU A 94 9.80 10.85 16.50
C GLU A 94 8.61 10.34 17.29
N LEU A 95 8.41 9.02 17.25
CA LEU A 95 7.34 8.36 17.99
C LEU A 95 7.94 7.39 19.00
N ASP A 96 7.39 7.40 20.21
CA ASP A 96 7.85 6.57 21.31
C ASP A 96 6.91 5.40 21.52
N TYR A 97 7.41 4.18 21.34
CA TYR A 97 6.64 2.96 21.56
C TYR A 97 7.42 2.00 22.44
N GLN A 98 6.72 1.33 23.34
CA GLN A 98 7.30 0.26 24.13
C GLN A 98 7.21 -1.06 23.37
N LEU A 99 7.98 -2.04 23.82
CA LEU A 99 7.97 -3.33 23.13
C LEU A 99 6.58 -3.96 23.14
N ASN A 100 5.78 -3.74 24.19
CA ASN A 100 4.45 -4.33 24.20
C ASN A 100 3.46 -3.56 23.33
N GLN A 101 3.94 -2.54 22.59
CA GLN A 101 3.13 -1.83 21.61
C GLN A 101 3.49 -2.17 20.18
N ILE A 102 4.34 -3.18 19.96
CA ILE A 102 4.89 -3.48 18.64
C ILE A 102 4.56 -4.92 18.28
N LEU A 103 4.13 -5.12 17.02
CA LEU A 103 3.82 -6.44 16.48
C LEU A 103 4.46 -6.57 15.10
N VAL A 104 5.29 -7.60 14.94
CA VAL A 104 5.82 -7.97 13.62
C VAL A 104 4.88 -9.00 13.02
N SER A 105 4.53 -8.84 11.73
CA SER A 105 3.54 -9.69 11.08
C SER A 105 4.04 -10.15 9.71
N VAL A 106 3.26 -11.04 9.09
CA VAL A 106 3.59 -11.64 7.78
C VAL A 106 3.20 -10.66 6.68
N GLY A 107 4.06 -9.67 6.44
CA GLY A 107 3.74 -8.58 5.56
C GLY A 107 2.88 -7.52 6.25
N GLY A 108 2.93 -6.31 5.70
CA GLY A 108 2.01 -5.27 6.14
C GLY A 108 0.56 -5.62 5.86
N LYS A 109 0.30 -6.44 4.84
CA LYS A 109 -1.07 -6.91 4.62
C LYS A 109 -1.59 -7.62 5.86
N GLN A 110 -0.76 -8.45 6.51
CA GLN A 110 -1.23 -9.14 7.70
C GLN A 110 -1.40 -8.18 8.88
N SER A 111 -0.56 -7.15 9.00
CA SER A 111 -0.82 -6.13 10.00
C SER A 111 -2.25 -5.60 9.83
N CYS A 112 -2.60 -5.24 8.59
CA CYS A 112 -3.93 -4.66 8.33
C CYS A 112 -5.03 -5.68 8.59
N TYR A 113 -4.83 -6.92 8.14
CA TYR A 113 -5.85 -7.95 8.32
C TYR A 113 -6.03 -8.29 9.79
N ASN A 114 -4.92 -8.45 10.53
CA ASN A 114 -4.99 -8.70 11.97
C ASN A 114 -5.73 -7.57 12.68
N LEU A 115 -5.45 -6.33 12.29
CA LEU A 115 -6.15 -5.18 12.86
C LEU A 115 -7.66 -5.30 12.68
N CYS A 116 -8.10 -5.56 11.45
CA CYS A 116 -9.54 -5.69 11.22
C CYS A 116 -10.14 -6.80 12.05
N GLN A 117 -9.48 -7.95 12.13
CA GLN A 117 -10.02 -9.07 12.89
C GLN A 117 -9.97 -8.82 14.40
N ALA A 118 -8.97 -8.07 14.87
CA ALA A 118 -8.85 -7.81 16.30
C ALA A 118 -9.77 -6.71 16.80
N TYR A 119 -10.29 -5.87 15.89
CA TYR A 119 -10.93 -4.62 16.30
C TYR A 119 -12.35 -4.44 15.79
N LEU A 120 -12.64 -4.82 14.55
CA LEU A 120 -13.92 -4.50 13.93
C LEU A 120 -14.98 -5.53 14.27
N ASN A 121 -16.19 -5.03 14.61
CA ASN A 121 -17.36 -5.87 14.84
C ASN A 121 -18.30 -5.77 13.65
N PRO A 122 -19.15 -6.77 13.45
CA PRO A 122 -20.10 -6.70 12.33
C PRO A 122 -20.91 -5.40 12.38
N GLY A 123 -20.97 -4.75 11.22
CA GLY A 123 -21.70 -3.51 11.09
C GLY A 123 -20.89 -2.26 11.28
N ASP A 124 -19.69 -2.37 11.85
CA ASP A 124 -18.86 -1.19 12.06
C ASP A 124 -18.49 -0.57 10.72
N GLU A 125 -18.61 0.75 10.62
CA GLU A 125 -18.22 1.46 9.40
C GLU A 125 -16.75 1.86 9.43
N VAL A 126 -16.10 1.73 8.28
CA VAL A 126 -14.69 2.06 8.15
C VAL A 126 -14.56 3.03 6.99
N ILE A 127 -14.00 4.21 7.25
CA ILE A 127 -13.81 5.19 6.19
C ILE A 127 -12.60 4.78 5.36
N ILE A 128 -12.81 4.65 4.05
CA ILE A 128 -11.73 4.29 3.12
C ILE A 128 -11.70 5.32 2.01
N PRO A 129 -10.73 6.23 2.02
CA PRO A 129 -10.64 7.22 0.94
C PRO A 129 -10.34 6.52 -0.37
N ALA A 130 -11.13 6.93 -1.48
CA ALA A 130 -10.72 6.51 -2.81
C ALA A 130 -9.81 7.56 -3.43
N PRO A 131 -8.85 7.16 -4.28
CA PRO A 131 -8.53 5.78 -4.64
C PRO A 131 -7.86 5.04 -3.49
N TYR A 132 -8.25 3.79 -3.31
CA TYR A 132 -7.79 3.01 -2.18
C TYR A 132 -7.01 1.79 -2.66
N TRP A 133 -6.05 1.37 -1.83
CA TRP A 133 -5.43 0.08 -2.05
C TRP A 133 -6.51 -0.99 -2.08
N VAL A 134 -6.43 -1.90 -3.06
CA VAL A 134 -7.55 -2.80 -3.34
C VAL A 134 -7.94 -3.62 -2.11
N SER A 135 -6.99 -3.88 -1.21
CA SER A 135 -7.31 -4.82 -0.13
C SER A 135 -8.08 -4.18 1.01
N TYR A 136 -8.07 -2.86 1.16
CA TYR A 136 -8.74 -2.26 2.32
C TYR A 136 -10.20 -2.67 2.42
N PRO A 137 -11.04 -2.51 1.39
CA PRO A 137 -12.45 -2.88 1.57
C PRO A 137 -12.64 -4.36 1.84
N ASP A 138 -11.85 -5.21 1.18
CA ASP A 138 -12.04 -6.63 1.35
C ASP A 138 -11.64 -7.09 2.74
N MET A 139 -10.57 -6.51 3.31
CA MET A 139 -10.19 -6.85 4.67
C MET A 139 -11.25 -6.41 5.67
N VAL A 140 -11.85 -5.25 5.41
CA VAL A 140 -12.95 -4.78 6.26
C VAL A 140 -14.14 -5.72 6.15
N LEU A 141 -14.48 -6.12 4.92
CA LEU A 141 -15.65 -6.97 4.72
C LEU A 141 -15.46 -8.34 5.37
N LEU A 142 -14.23 -8.84 5.40
CA LEU A 142 -13.98 -10.15 6.01
C LEU A 142 -14.13 -10.11 7.52
N ALA A 143 -14.13 -8.91 8.13
CA ALA A 143 -14.47 -8.75 9.54
C ALA A 143 -15.93 -8.31 9.72
N ASP A 144 -16.71 -8.41 8.65
CA ASP A 144 -18.10 -7.94 8.57
C ASP A 144 -18.25 -6.46 8.84
N GLY A 145 -17.17 -5.70 8.63
CA GLY A 145 -17.28 -4.25 8.63
C GLY A 145 -17.93 -3.74 7.35
N VAL A 146 -18.23 -2.46 7.35
CA VAL A 146 -18.89 -1.80 6.23
C VAL A 146 -17.96 -0.74 5.65
N PRO A 147 -17.38 -0.96 4.48
CA PRO A 147 -16.59 0.09 3.84
C PRO A 147 -17.45 1.31 3.51
N VAL A 148 -16.95 2.48 3.87
CA VAL A 148 -17.56 3.77 3.53
C VAL A 148 -16.53 4.54 2.72
N ILE A 149 -16.75 4.63 1.41
CA ILE A 149 -15.77 5.19 0.47
C ILE A 149 -16.00 6.69 0.33
N ILE A 150 -14.92 7.46 0.41
CA ILE A 150 -14.98 8.88 0.06
C ILE A 150 -14.29 9.04 -1.30
N GLU A 151 -15.06 9.45 -2.30
CA GLU A 151 -14.50 9.60 -3.64
C GLU A 151 -13.79 10.95 -3.76
N THR A 152 -12.66 10.96 -4.48
CA THR A 152 -11.89 12.17 -4.71
C THR A 152 -11.62 12.35 -6.20
N THR A 153 -11.24 13.56 -6.57
CA THR A 153 -11.02 13.96 -7.95
C THR A 153 -9.60 14.47 -8.13
N PRO A 154 -9.13 14.57 -9.39
CA PRO A 154 -7.82 15.21 -9.63
C PRO A 154 -7.74 16.65 -9.15
N ALA A 155 -8.84 17.40 -9.19
CA ALA A 155 -8.82 18.77 -8.70
C ALA A 155 -8.52 18.84 -7.21
N GLN A 156 -8.77 17.75 -6.48
CA GLN A 156 -8.37 17.62 -5.09
C GLN A 156 -7.04 16.88 -4.93
N ARG A 157 -6.34 16.64 -6.04
CA ARG A 157 -5.13 15.80 -6.05
C ARG A 157 -5.40 14.47 -5.33
N TYR A 158 -6.61 13.94 -5.52
CA TYR A 158 -7.00 12.62 -5.01
C TYR A 158 -6.86 12.51 -3.50
N LYS A 159 -7.08 13.63 -2.79
CA LYS A 159 -7.03 13.67 -1.33
C LYS A 159 -8.35 14.14 -0.78
N ILE A 160 -8.78 13.54 0.33
CA ILE A 160 -10.02 13.97 0.96
C ILE A 160 -9.79 15.28 1.71
N ASN A 161 -10.87 16.03 1.91
CA ASN A 161 -10.80 17.22 2.75
C ASN A 161 -11.65 17.02 4.00
N ALA A 162 -11.52 17.98 4.92
CA ALA A 162 -12.13 17.83 6.23
C ALA A 162 -13.65 17.81 6.17
N GLN A 163 -14.22 18.48 5.17
CA GLN A 163 -15.67 18.50 5.06
C GLN A 163 -16.19 17.17 4.54
N GLN A 164 -15.50 16.58 3.57
CA GLN A 164 -15.86 15.23 3.13
C GLN A 164 -15.76 14.23 4.28
N LEU A 165 -14.71 14.34 5.08
CA LEU A 165 -14.51 13.39 6.18
C LEU A 165 -15.63 13.51 7.20
N GLU A 166 -15.96 14.74 7.61
CA GLU A 166 -17.02 14.91 8.59
C GLU A 166 -18.34 14.38 8.05
N GLN A 167 -18.61 14.63 6.76
CA GLN A 167 -19.88 14.21 6.18
C GLN A 167 -19.99 12.69 6.13
N ALA A 168 -18.88 12.00 5.90
CA ALA A 168 -18.89 10.54 5.81
C ALA A 168 -18.99 9.85 7.17
N ILE A 169 -18.59 10.53 8.25
CA ILE A 169 -18.62 9.91 9.57
C ILE A 169 -20.06 9.80 10.07
N THR A 170 -20.38 8.66 10.67
CA THR A 170 -21.66 8.41 11.32
C THR A 170 -21.39 7.87 12.72
N PRO A 171 -22.43 7.70 13.54
CA PRO A 171 -22.23 7.03 14.83
C PRO A 171 -21.73 5.61 14.72
N LYS A 172 -21.74 5.03 13.52
CA LYS A 172 -21.25 3.67 13.33
C LYS A 172 -19.79 3.63 12.92
N THR A 173 -19.18 4.78 12.62
CA THR A 173 -17.80 4.79 12.17
C THR A 173 -16.86 4.44 13.32
N ARG A 174 -16.02 3.42 13.12
CA ARG A 174 -15.05 3.06 14.16
C ARG A 174 -13.61 3.02 13.68
N MET A 175 -13.35 3.30 12.41
CA MET A 175 -11.98 3.21 11.92
C MET A 175 -11.85 3.99 10.62
N ILE A 176 -10.64 4.46 10.34
CA ILE A 176 -10.30 5.06 9.06
C ILE A 176 -8.92 4.55 8.66
N PHE A 177 -8.74 4.24 7.38
CA PHE A 177 -7.43 4.02 6.81
C PHE A 177 -6.92 5.33 6.20
N LEU A 178 -5.73 5.76 6.61
CA LEU A 178 -5.04 6.90 6.00
C LEU A 178 -3.74 6.39 5.42
N ASN A 179 -3.63 6.39 4.08
CA ASN A 179 -2.52 5.76 3.38
C ASN A 179 -1.78 6.83 2.59
N SER A 180 -0.65 7.29 3.13
CA SER A 180 0.07 8.42 2.55
C SER A 180 1.58 8.22 2.71
N PRO A 181 2.35 8.16 1.61
CA PRO A 181 1.96 8.25 0.20
C PRO A 181 1.05 7.09 -0.23
N SER A 182 0.18 7.37 -1.20
CA SER A 182 -0.91 6.47 -1.54
C SER A 182 -0.54 5.44 -2.58
N ASN A 183 -0.97 4.21 -2.35
CA ASN A 183 -1.24 3.26 -3.41
C ASN A 183 -2.72 3.39 -3.73
N PRO A 184 -3.12 3.83 -4.93
CA PRO A 184 -2.39 3.89 -6.20
C PRO A 184 -1.99 5.27 -6.74
N SER A 185 -2.34 6.36 -6.05
CA SER A 185 -2.16 7.67 -6.67
C SER A 185 -0.73 8.18 -6.59
N GLY A 186 0.07 7.69 -5.65
CA GLY A 186 1.39 8.24 -5.41
C GLY A 186 1.40 9.57 -4.68
N ILE A 187 0.24 10.07 -4.25
CA ILE A 187 0.11 11.39 -3.65
C ILE A 187 0.26 11.27 -2.14
N ALA A 188 0.83 12.31 -1.52
CA ALA A 188 0.98 12.37 -0.07
C ALA A 188 0.30 13.60 0.49
N TYR A 189 -0.32 13.46 1.66
CA TYR A 189 -0.85 14.62 2.37
C TYR A 189 0.29 15.46 2.94
N THR A 190 0.09 16.79 2.95
CA THR A 190 0.99 17.66 3.69
C THR A 190 0.66 17.59 5.18
N GLN A 191 1.59 18.07 6.01
CA GLN A 191 1.34 18.05 7.44
C GLN A 191 0.09 18.86 7.80
N ASN A 192 -0.12 20.00 7.14
CA ASN A 192 -1.28 20.81 7.47
C ASN A 192 -2.57 20.14 7.03
N GLU A 193 -2.55 19.43 5.89
CA GLU A 193 -3.73 18.67 5.49
C GLU A 193 -4.06 17.60 6.52
N LEU A 194 -3.05 16.91 7.03
CA LEU A 194 -3.29 15.92 8.07
C LEU A 194 -3.79 16.56 9.37
N LYS A 195 -3.27 17.75 9.68
CA LYS A 195 -3.78 18.51 10.82
C LYS A 195 -5.27 18.78 10.69
N GLU A 196 -5.71 19.20 9.49
CA GLU A 196 -7.13 19.49 9.30
C GLU A 196 -7.97 18.23 9.41
N LEU A 197 -7.47 17.10 8.90
CA LEU A 197 -8.19 15.85 9.10
C LEU A 197 -8.19 15.46 10.57
N GLY A 198 -7.05 15.64 11.26
CA GLY A 198 -7.00 15.31 12.67
C GLY A 198 -8.00 16.10 13.50
N ASP A 199 -8.23 17.36 13.14
CA ASP A 199 -9.19 18.18 13.88
C ASP A 199 -10.60 17.61 13.76
N VAL A 200 -10.94 17.05 12.61
CA VAL A 200 -12.21 16.34 12.49
C VAL A 200 -12.20 15.08 13.33
N LEU A 201 -11.11 14.30 13.23
CA LEU A 201 -11.05 13.03 13.95
C LEU A 201 -11.10 13.24 15.46
N LYS A 202 -10.55 14.36 15.95
CA LYS A 202 -10.62 14.64 17.38
C LYS A 202 -12.06 14.79 17.86
N LYS A 203 -12.99 15.14 16.97
CA LYS A 203 -14.40 15.27 17.31
C LYS A 203 -15.15 13.95 17.35
N HIS A 204 -14.51 12.84 16.96
CA HIS A 204 -15.17 11.54 16.88
C HIS A 204 -14.27 10.50 17.54
N PRO A 205 -14.29 10.44 18.88
CA PRO A 205 -13.30 9.62 19.59
C PRO A 205 -13.47 8.11 19.43
N GLN A 206 -14.57 7.63 18.88
CA GLN A 206 -14.58 6.18 18.72
C GLN A 206 -13.85 5.70 17.46
N ILE A 207 -13.29 6.62 16.66
CA ILE A 207 -12.64 6.24 15.40
C ILE A 207 -11.16 5.97 15.65
N LEU A 208 -10.77 4.70 15.51
CA LEU A 208 -9.37 4.33 15.50
C LEU A 208 -8.75 4.72 14.17
N ILE A 209 -7.56 5.33 14.22
CA ILE A 209 -6.89 5.81 13.02
C ILE A 209 -5.81 4.80 12.67
N ALA A 210 -5.88 4.24 11.46
CA ALA A 210 -4.91 3.27 10.97
C ALA A 210 -4.12 3.98 9.89
N THR A 211 -2.89 4.39 10.21
CA THR A 211 -2.07 5.13 9.24
C THR A 211 -1.11 4.15 8.58
N ASP A 212 -1.28 3.95 7.28
CA ASP A 212 -0.56 2.92 6.54
C ASP A 212 0.62 3.64 5.88
N ASP A 213 1.76 3.58 6.55
CA ASP A 213 2.97 4.31 6.19
C ASP A 213 3.93 3.45 5.37
N MET A 214 3.43 2.38 4.73
CA MET A 214 4.26 1.44 3.98
C MET A 214 5.21 2.12 3.00
N TYR A 215 4.76 3.21 2.36
CA TYR A 215 5.57 3.88 1.34
C TYR A 215 6.33 5.08 1.90
N GLU A 216 6.48 5.16 3.23
CA GLU A 216 7.13 6.28 3.91
C GLU A 216 8.42 6.76 3.25
N HIS A 217 9.36 5.85 3.00
CA HIS A 217 10.66 6.25 2.47
C HIS A 217 10.62 6.59 0.98
N ILE A 218 9.58 6.16 0.26
CA ILE A 218 9.52 6.37 -1.19
C ILE A 218 8.74 7.66 -1.41
N ILE A 219 9.43 8.77 -1.22
CA ILE A 219 8.82 10.09 -1.30
C ILE A 219 9.90 11.08 -1.70
N TRP A 220 9.53 12.04 -2.53
CA TRP A 220 10.50 13.03 -2.99
C TRP A 220 9.97 14.45 -3.02
N SER A 221 8.65 14.66 -3.05
CA SER A 221 8.13 16.01 -3.18
C SER A 221 8.12 16.76 -1.87
N GLN A 222 8.24 16.06 -0.76
CA GLN A 222 8.17 16.64 0.58
C GLN A 222 8.72 15.62 1.55
N PRO A 223 9.12 16.04 2.76
CA PRO A 223 9.48 15.06 3.79
C PRO A 223 8.25 14.27 4.19
N PHE A 224 8.45 13.01 4.57
CA PHE A 224 7.34 12.20 5.04
C PHE A 224 6.79 12.75 6.35
N THR A 225 5.48 12.73 6.48
CA THR A 225 4.82 13.08 7.73
C THR A 225 3.57 12.22 7.84
N ASN A 226 3.18 11.86 9.07
CA ASN A 226 1.93 11.15 9.25
C ASN A 226 1.05 11.87 10.27
N ILE A 227 -0.13 11.27 10.50
CA ILE A 227 -1.17 11.91 11.31
C ILE A 227 -0.68 12.22 12.72
N LEU A 228 0.25 11.41 13.25
CA LEU A 228 0.73 11.64 14.60
C LEU A 228 1.78 12.75 14.67
N ASN A 229 2.55 12.95 13.60
CA ASN A 229 3.38 14.15 13.51
C ASN A 229 2.51 15.40 13.51
N ALA A 230 1.39 15.35 12.77
CA ALA A 230 0.52 16.51 12.66
C ALA A 230 -0.29 16.73 13.94
N CYS A 231 -0.72 15.64 14.56
CA CYS A 231 -1.64 15.68 15.70
C CYS A 231 -1.20 14.68 16.75
N PRO A 232 -0.20 15.04 17.56
CA PRO A 232 0.30 14.11 18.57
C PRO A 232 -0.76 13.65 19.55
N GLU A 233 -1.82 14.45 19.76
CA GLU A 233 -2.87 14.08 20.69
C GLU A 233 -3.69 12.87 20.24
N LEU A 234 -3.54 12.40 19.00
CA LEU A 234 -4.24 11.21 18.54
C LEU A 234 -3.46 9.92 18.79
N TYR A 235 -2.30 10.03 19.45
CA TYR A 235 -1.45 8.86 19.70
C TYR A 235 -2.20 7.69 20.33
N ASP A 236 -3.05 7.94 21.31
CA ASP A 236 -3.68 6.85 22.03
C ASP A 236 -4.81 6.17 21.25
N ARG A 237 -5.13 6.65 20.04
CA ARG A 237 -6.15 6.00 19.22
C ARG A 237 -5.65 5.82 17.79
N THR A 238 -4.34 5.65 17.60
CA THR A 238 -3.76 5.46 16.27
C THR A 238 -2.90 4.22 16.28
N ILE A 239 -3.00 3.42 15.23
CA ILE A 239 -2.06 2.33 14.99
C ILE A 239 -1.27 2.68 13.75
N VAL A 240 0.05 2.59 13.84
CA VAL A 240 0.95 2.93 12.75
C VAL A 240 1.35 1.64 12.07
N LEU A 241 1.08 1.55 10.77
CA LEU A 241 1.33 0.35 9.98
C LEU A 241 2.49 0.61 9.02
N ASN A 242 3.48 -0.29 9.02
CA ASN A 242 4.65 -0.08 8.17
C ASN A 242 5.23 -1.45 7.83
N GLY A 243 6.38 -1.46 7.18
CA GLY A 243 7.01 -2.73 6.85
C GLY A 243 8.25 -2.50 6.01
N VAL A 244 8.92 -3.61 5.70
CA VAL A 244 10.16 -3.54 4.92
C VAL A 244 9.94 -3.85 3.45
N SER A 245 8.72 -4.24 3.05
CA SER A 245 8.49 -4.71 1.67
C SER A 245 8.96 -3.69 0.64
N LYS A 246 8.54 -2.44 0.79
CA LYS A 246 8.80 -1.48 -0.29
C LYS A 246 10.15 -0.79 -0.12
N ALA A 247 10.44 -0.30 1.10
CA ALA A 247 11.67 0.47 1.29
C ALA A 247 12.91 -0.36 1.01
N TYR A 248 12.86 -1.67 1.24
CA TYR A 248 14.03 -2.52 1.12
C TYR A 248 13.90 -3.58 0.03
N ALA A 249 12.92 -3.43 -0.86
CA ALA A 249 12.70 -4.40 -1.94
C ALA A 249 12.67 -5.83 -1.39
N MET A 250 11.78 -6.03 -0.43
CA MET A 250 11.70 -7.28 0.33
C MET A 250 10.32 -7.91 0.26
N THR A 251 9.59 -7.66 -0.83
CA THR A 251 8.18 -8.08 -0.88
C THR A 251 8.04 -9.58 -0.70
N GLY A 252 8.97 -10.38 -1.22
CA GLY A 252 8.79 -11.82 -1.11
C GLY A 252 9.04 -12.37 0.28
N TRP A 253 9.73 -11.61 1.14
CA TRP A 253 10.10 -12.12 2.46
C TRP A 253 8.94 -12.09 3.44
N ARG A 254 7.98 -11.18 3.25
CA ARG A 254 6.75 -11.02 4.05
C ARG A 254 7.05 -10.63 5.50
N ILE A 255 7.51 -9.39 5.69
CA ILE A 255 7.69 -8.83 7.03
C ILE A 255 7.05 -7.45 7.07
N GLY A 256 6.00 -7.30 7.89
CA GLY A 256 5.45 -6.00 8.20
C GLY A 256 5.54 -5.78 9.70
N TYR A 257 5.24 -4.56 10.11
CA TYR A 257 5.22 -4.30 11.56
C TYR A 257 4.27 -3.16 11.85
N ALA A 258 3.78 -3.13 13.08
CA ALA A 258 2.82 -2.12 13.50
C ALA A 258 3.13 -1.72 14.94
N ALA A 259 2.73 -0.49 15.28
CA ALA A 259 2.85 -0.02 16.65
C ALA A 259 1.58 0.73 17.02
N GLY A 260 1.12 0.53 18.25
CA GLY A 260 -0.09 1.19 18.68
C GLY A 260 -0.46 0.83 20.10
N PRO A 261 -1.71 1.06 20.47
CA PRO A 261 -2.13 0.82 21.86
C PRO A 261 -1.94 -0.63 22.26
N ALA A 262 -1.36 -0.83 23.46
CA ALA A 262 -1.00 -2.18 23.87
C ALA A 262 -2.17 -3.17 23.87
N PRO A 263 -3.38 -2.83 24.34
CA PRO A 263 -4.46 -3.84 24.30
C PRO A 263 -4.81 -4.27 22.88
N LEU A 264 -4.78 -3.34 21.93
CA LEU A 264 -5.08 -3.65 20.55
C LEU A 264 -3.97 -4.51 19.93
N ILE A 265 -2.71 -4.12 20.16
CA ILE A 265 -1.58 -4.89 19.65
C ILE A 265 -1.62 -6.32 20.20
N ASN A 266 -1.99 -6.46 21.48
CA ASN A 266 -2.07 -7.80 22.06
C ASN A 266 -3.18 -8.61 21.42
N ALA A 267 -4.30 -7.96 21.10
CA ALA A 267 -5.39 -8.67 20.41
C ALA A 267 -4.98 -9.05 18.99
N MET A 268 -4.25 -8.18 18.30
CA MET A 268 -3.72 -8.54 16.98
C MET A 268 -2.74 -9.71 17.09
N LYS A 269 -1.92 -9.71 18.13
CA LYS A 269 -1.02 -10.83 18.37
C LYS A 269 -1.81 -12.12 18.61
N THR A 270 -2.94 -12.00 19.30
CA THR A 270 -3.79 -13.18 19.52
C THR A 270 -4.30 -13.74 18.18
N ILE A 271 -4.81 -12.87 17.30
CA ILE A 271 -5.22 -13.34 15.97
C ILE A 271 -4.05 -14.02 15.26
N GLN A 272 -2.89 -13.39 15.31
CA GLN A 272 -1.72 -13.93 14.61
C GLN A 272 -1.32 -15.28 15.19
N SER A 273 -1.46 -15.44 16.51
CA SER A 273 -1.05 -16.68 17.16
C SER A 273 -1.97 -17.84 16.78
N GLN A 274 -3.16 -17.55 16.25
CA GLN A 274 -4.08 -18.59 15.82
C GLN A 274 -4.20 -18.66 14.31
N SER A 275 -3.32 -17.98 13.58
CA SER A 275 -3.41 -18.00 12.13
C SER A 275 -2.07 -18.33 11.46
N THR A 276 -0.99 -17.66 11.83
CA THR A 276 0.29 -17.92 11.19
C THR A 276 1.41 -18.28 12.16
N SER A 277 1.24 -18.06 13.46
CA SER A 277 2.36 -18.05 14.41
C SER A 277 3.31 -16.94 13.94
N ASN A 278 4.60 -17.09 14.24
CA ASN A 278 5.56 -16.05 13.89
C ASN A 278 5.78 -15.98 12.38
N PRO A 279 6.18 -14.82 11.86
CA PRO A 279 6.68 -14.76 10.48
C PRO A 279 7.97 -15.53 10.34
N CYS A 280 8.31 -15.88 9.09
CA CYS A 280 9.52 -16.64 8.79
C CYS A 280 10.73 -16.13 9.57
N SER A 281 11.38 -17.05 10.29
CA SER A 281 12.47 -16.66 11.16
C SER A 281 13.64 -16.06 10.39
N ILE A 282 13.93 -16.62 9.21
CA ILE A 282 15.01 -16.09 8.39
C ILE A 282 14.68 -14.69 7.92
N ALA A 283 13.43 -14.47 7.51
CA ALA A 283 13.01 -13.14 7.07
C ALA A 283 13.09 -12.14 8.21
N GLN A 284 12.79 -12.56 9.43
CA GLN A 284 12.92 -11.65 10.57
C GLN A 284 14.35 -11.17 10.75
N ARG A 285 15.32 -12.08 10.64
CA ARG A 285 16.72 -11.69 10.75
C ARG A 285 17.13 -10.77 9.60
N ALA A 286 16.62 -11.05 8.40
CA ALA A 286 16.87 -10.14 7.28
C ALA A 286 16.34 -8.74 7.58
N ALA A 287 15.14 -8.66 8.17
CA ALA A 287 14.54 -7.35 8.46
C ALA A 287 15.33 -6.61 9.55
N VAL A 288 15.93 -7.32 10.49
CA VAL A 288 16.78 -6.65 11.47
C VAL A 288 17.91 -5.92 10.74
N ALA A 289 18.54 -6.60 9.80
CA ALA A 289 19.65 -6.00 9.07
C ALA A 289 19.18 -4.81 8.25
N ALA A 290 17.96 -4.86 7.73
CA ALA A 290 17.42 -3.74 6.96
C ALA A 290 17.20 -2.53 7.85
N LEU A 291 16.43 -2.69 8.92
CA LEU A 291 16.08 -1.55 9.77
C LEU A 291 17.29 -0.93 10.45
N ASN A 292 18.28 -1.76 10.82
CA ASN A 292 19.45 -1.27 11.54
C ASN A 292 20.57 -0.82 10.61
N GLY A 293 20.43 -1.06 9.31
CA GLY A 293 21.47 -0.73 8.36
C GLY A 293 21.29 0.66 7.77
N SER A 294 22.22 0.98 6.88
CA SER A 294 22.26 2.30 6.27
C SER A 294 21.07 2.52 5.33
N ASN A 295 20.69 3.77 5.16
CA ASN A 295 19.64 4.14 4.21
C ASN A 295 20.15 4.25 2.78
N GLU A 296 21.43 3.93 2.53
CA GLU A 296 22.02 4.17 1.22
C GLU A 296 21.24 3.46 0.11
N SER A 297 20.88 2.20 0.34
CA SER A 297 20.17 1.44 -0.69
C SER A 297 18.75 1.97 -0.88
N ILE A 298 18.13 2.49 0.18
CA ILE A 298 16.82 3.12 0.04
C ILE A 298 16.93 4.31 -0.90
N GLU A 299 17.93 5.17 -0.67
CA GLU A 299 18.07 6.38 -1.47
C GLU A 299 18.34 6.05 -2.93
N GLU A 300 19.16 5.02 -3.18
CA GLU A 300 19.41 4.58 -4.55
C GLU A 300 18.12 4.20 -5.25
N MET A 301 17.27 3.43 -4.56
CA MET A 301 16.03 2.96 -5.16
C MET A 301 15.03 4.10 -5.33
N VAL A 302 14.92 4.97 -4.33
CA VAL A 302 13.96 6.06 -4.40
C VAL A 302 14.37 7.07 -5.49
N ASN A 303 15.67 7.32 -5.61
CA ASN A 303 16.15 8.18 -6.70
C ASN A 303 15.76 7.61 -8.05
N ALA A 304 15.86 6.28 -8.21
CA ALA A 304 15.48 5.65 -9.47
C ALA A 304 13.99 5.84 -9.75
N PHE A 305 13.16 5.59 -8.73
CA PHE A 305 11.72 5.79 -8.92
C PHE A 305 11.41 7.23 -9.27
N HIS A 306 12.12 8.17 -8.64
CA HIS A 306 11.86 9.59 -8.89
C HIS A 306 12.14 9.94 -10.34
N GLN A 307 13.29 9.51 -10.87
CA GLN A 307 13.62 9.88 -12.24
C GLN A 307 12.69 9.18 -13.22
N ARG A 308 12.33 7.92 -12.94
CA ARG A 308 11.37 7.23 -13.80
C ARG A 308 10.01 7.91 -13.75
N HIS A 309 9.56 8.29 -12.55
CA HIS A 309 8.30 8.99 -12.43
C HIS A 309 8.26 10.23 -13.31
N ASP A 310 9.30 11.05 -13.22
CA ASP A 310 9.30 12.30 -13.97
C ASP A 310 9.24 12.04 -15.46
N TYR A 311 9.92 10.97 -15.92
CA TYR A 311 9.82 10.60 -17.32
C TYR A 311 8.40 10.18 -17.69
N VAL A 312 7.82 9.28 -16.90
CA VAL A 312 6.49 8.77 -17.23
C VAL A 312 5.45 9.89 -17.19
N ALA A 313 5.53 10.76 -16.18
CA ALA A 313 4.56 11.85 -16.07
C ALA A 313 4.64 12.76 -17.29
N ASP A 314 5.85 13.06 -17.74
CA ASP A 314 6.03 13.89 -18.93
C ASP A 314 5.45 13.22 -20.16
N ARG A 315 5.71 11.91 -20.34
CA ARG A 315 5.14 11.20 -21.49
C ARG A 315 3.62 11.17 -21.42
N LEU A 316 3.05 10.93 -20.23
CA LEU A 316 1.60 10.91 -20.11
C LEU A 316 0.99 12.27 -20.44
N GLN A 317 1.63 13.35 -19.94
CA GLN A 317 1.14 14.70 -20.21
C GLN A 317 1.03 14.96 -21.72
N SER A 318 1.96 14.42 -22.49
CA SER A 318 2.02 14.68 -23.92
C SER A 318 0.98 13.89 -24.72
N ILE A 319 0.36 12.88 -24.14
CA ILE A 319 -0.60 12.06 -24.88
C ILE A 319 -1.98 12.72 -24.78
N ASP A 320 -2.51 13.15 -25.93
CA ASP A 320 -3.82 13.79 -25.93
C ASP A 320 -4.88 12.83 -25.41
N GLY A 321 -5.68 13.30 -24.46
CA GLY A 321 -6.72 12.50 -23.88
C GLY A 321 -6.35 11.83 -22.57
N ILE A 322 -5.10 11.94 -22.15
CA ILE A 322 -4.67 11.47 -20.83
C ILE A 322 -4.40 12.69 -19.98
N GLU A 323 -4.97 12.72 -18.78
CA GLU A 323 -4.71 13.80 -17.84
C GLU A 323 -4.01 13.20 -16.65
N VAL A 324 -2.98 13.86 -16.14
CA VAL A 324 -2.22 13.24 -15.07
C VAL A 324 -1.89 14.26 -13.99
N ILE A 325 -1.93 13.80 -12.75
CA ILE A 325 -1.47 14.53 -11.58
C ILE A 325 -0.15 13.90 -11.16
N PRO A 326 0.95 14.66 -11.12
CA PRO A 326 2.22 14.05 -10.75
C PRO A 326 2.19 13.54 -9.31
N ALA A 327 2.85 12.40 -9.10
CA ALA A 327 2.94 11.77 -7.80
C ALA A 327 3.97 12.47 -6.93
N ASP A 328 3.80 12.30 -5.61
CA ASP A 328 4.76 12.76 -4.62
C ASP A 328 5.77 11.69 -4.25
N GLY A 329 5.50 10.45 -4.62
CA GLY A 329 6.30 9.34 -4.16
C GLY A 329 5.69 8.05 -4.68
N THR A 330 6.08 6.93 -4.03
CA THR A 330 5.74 5.57 -4.47
C THR A 330 6.34 5.24 -5.83
N PHE A 331 6.03 4.07 -6.38
CA PHE A 331 6.38 3.77 -7.76
C PHE A 331 5.13 3.69 -8.64
N TYR A 332 4.08 4.41 -8.26
CA TYR A 332 2.82 4.47 -9.00
C TYR A 332 2.52 5.87 -9.50
N ILE A 333 1.79 5.94 -10.61
CA ILE A 333 1.15 7.17 -11.06
C ILE A 333 -0.22 6.76 -11.59
N PHE A 334 -1.19 7.68 -11.53
CA PHE A 334 -2.61 7.34 -11.62
C PHE A 334 -3.33 8.29 -12.57
N PRO A 335 -2.99 8.25 -13.86
CA PRO A 335 -3.60 9.19 -14.80
C PRO A 335 -5.04 8.79 -15.11
N SER A 336 -5.81 9.77 -15.58
CA SER A 336 -7.15 9.53 -16.07
C SER A 336 -7.12 9.37 -17.58
N VAL A 337 -7.73 8.29 -18.07
CA VAL A 337 -7.90 8.05 -19.50
C VAL A 337 -9.36 8.18 -19.90
N GLN A 338 -10.15 8.86 -19.07
CA GLN A 338 -11.59 8.95 -19.33
C GLN A 338 -11.90 9.54 -20.71
N ALA A 339 -11.10 10.49 -21.18
CA ALA A 339 -11.34 11.05 -22.51
C ALA A 339 -11.11 10.02 -23.61
N ILE A 340 -10.14 9.12 -23.43
CA ILE A 340 -9.96 8.02 -24.39
C ILE A 340 -11.15 7.09 -24.35
N ILE A 341 -11.56 6.70 -23.14
CA ILE A 341 -12.74 5.85 -22.98
C ILE A 341 -13.94 6.44 -23.70
N GLU A 342 -14.16 7.74 -23.56
CA GLU A 342 -15.36 8.35 -24.12
C GLU A 342 -15.28 8.46 -25.64
N LYS A 343 -14.14 8.88 -26.18
CA LYS A 343 -14.04 9.01 -27.64
C LYS A 343 -14.14 7.65 -28.34
N ARG A 344 -13.70 6.58 -27.67
CA ARG A 344 -13.73 5.24 -28.24
C ARG A 344 -15.04 4.52 -28.00
N GLY A 345 -15.88 5.03 -27.09
CA GLY A 345 -17.06 4.29 -26.69
C GLY A 345 -16.79 3.03 -25.90
N TYR A 346 -15.66 2.97 -25.19
CA TYR A 346 -15.44 1.86 -24.28
C TYR A 346 -16.43 1.95 -23.12
N ALA A 347 -16.77 0.80 -22.56
CA ALA A 347 -17.76 0.78 -21.47
C ALA A 347 -17.21 1.42 -20.21
N ASN A 348 -15.91 1.22 -19.94
CA ASN A 348 -15.30 1.62 -18.69
C ASN A 348 -13.80 1.36 -18.73
N ASP A 349 -13.10 1.55 -17.62
CA ASP A 349 -11.65 1.39 -17.62
C ASP A 349 -11.20 -0.06 -17.62
N ILE A 350 -12.10 -0.98 -17.30
CA ILE A 350 -11.77 -2.40 -17.48
C ILE A 350 -11.66 -2.70 -18.97
N GLU A 351 -12.65 -2.25 -19.76
CA GLU A 351 -12.54 -2.43 -21.21
C GLU A 351 -11.30 -1.74 -21.77
N PHE A 352 -11.01 -0.52 -21.29
CA PHE A 352 -9.79 0.14 -21.72
C PHE A 352 -8.57 -0.74 -21.47
N SER A 353 -8.45 -1.29 -20.27
CA SER A 353 -7.24 -2.01 -19.90
C SER A 353 -7.16 -3.34 -20.61
N GLU A 354 -8.29 -3.99 -20.87
CA GLU A 354 -8.26 -5.23 -21.64
C GLU A 354 -7.88 -4.96 -23.08
N LYS A 355 -8.44 -3.90 -23.69
CA LYS A 355 -8.09 -3.60 -25.07
C LYS A 355 -6.62 -3.20 -25.19
N LEU A 356 -6.13 -2.39 -24.26
CA LEU A 356 -4.72 -2.02 -24.27
C LEU A 356 -3.81 -3.24 -24.18
N LEU A 357 -4.14 -4.19 -23.30
CA LEU A 357 -3.31 -5.38 -23.16
C LEU A 357 -3.33 -6.23 -24.41
N ASN A 358 -4.51 -6.41 -25.01
CA ASN A 358 -4.60 -7.27 -26.19
C ASN A 358 -4.08 -6.59 -27.44
N GLU A 359 -4.15 -5.27 -27.52
CA GLU A 359 -3.72 -4.59 -28.75
C GLU A 359 -2.20 -4.37 -28.76
N VAL A 360 -1.63 -3.87 -27.67
CA VAL A 360 -0.21 -3.53 -27.64
C VAL A 360 0.57 -4.24 -26.53
N GLY A 361 -0.07 -5.08 -25.73
CA GLY A 361 0.68 -5.89 -24.77
C GLY A 361 1.12 -5.18 -23.51
N VAL A 362 0.50 -4.08 -23.13
CA VAL A 362 0.83 -3.37 -21.90
C VAL A 362 -0.20 -3.74 -20.84
N ALA A 363 0.27 -4.32 -19.74
CA ALA A 363 -0.61 -4.71 -18.63
C ALA A 363 -0.54 -3.65 -17.55
N LEU A 364 -1.71 -3.17 -17.11
CA LEU A 364 -1.79 -2.24 -15.99
C LEU A 364 -3.13 -2.49 -15.29
N VAL A 365 -3.43 -1.70 -14.26
CA VAL A 365 -4.55 -2.00 -13.38
C VAL A 365 -5.63 -0.93 -13.57
N PRO A 366 -6.87 -1.32 -13.88
CA PRO A 366 -7.94 -0.33 -14.04
C PRO A 366 -8.21 0.44 -12.75
N GLY A 367 -8.46 1.74 -12.90
CA GLY A 367 -8.70 2.59 -11.74
C GLY A 367 -9.89 2.18 -10.91
N SER A 368 -10.92 1.60 -11.55
CA SER A 368 -12.07 1.13 -10.80
C SER A 368 -11.71 0.07 -9.76
N ALA A 369 -10.60 -0.64 -9.93
CA ALA A 369 -10.17 -1.59 -8.90
C ALA A 369 -9.84 -0.88 -7.58
N PHE A 370 -9.47 0.40 -7.67
CA PHE A 370 -9.16 1.24 -6.52
C PHE A 370 -10.28 2.19 -6.19
N GLY A 371 -11.45 2.03 -6.82
CA GLY A 371 -12.59 2.88 -6.55
C GLY A 371 -12.65 4.20 -7.29
N THR A 372 -11.83 4.39 -8.34
CA THR A 372 -11.82 5.63 -9.11
C THR A 372 -11.94 5.29 -10.59
N GLU A 373 -13.17 5.34 -11.10
CA GLU A 373 -13.44 4.96 -12.48
C GLU A 373 -12.75 5.90 -13.47
N GLY A 374 -12.23 5.33 -14.55
CA GLY A 374 -11.65 6.12 -15.62
C GLY A 374 -10.17 6.39 -15.49
N CYS A 375 -9.56 6.04 -14.37
CA CYS A 375 -8.12 6.12 -14.22
C CYS A 375 -7.50 4.75 -14.49
N ILE A 376 -6.16 4.73 -14.51
CA ILE A 376 -5.37 3.50 -14.57
C ILE A 376 -4.17 3.68 -13.67
N ARG A 377 -3.78 2.60 -12.98
CA ARG A 377 -2.54 2.65 -12.19
C ARG A 377 -1.40 2.13 -13.05
N ILE A 378 -0.39 2.97 -13.25
CA ILE A 378 0.83 2.60 -13.95
C ILE A 378 1.93 2.50 -12.90
N SER A 379 2.62 1.37 -12.87
CA SER A 379 3.77 1.21 -11.99
C SER A 379 5.05 1.41 -12.80
N PHE A 380 5.97 2.19 -12.27
CA PHE A 380 7.27 2.38 -12.91
C PHE A 380 8.39 1.72 -12.11
N ALA A 381 8.07 0.57 -11.49
CA ALA A 381 9.10 -0.32 -10.95
C ALA A 381 9.60 -1.26 -12.04
N THR A 382 10.15 -0.65 -13.08
CA THR A 382 10.77 -1.36 -14.18
C THR A 382 11.76 -0.39 -14.80
N GLY A 383 12.67 -0.92 -15.61
CA GLY A 383 13.75 -0.08 -16.14
C GLY A 383 13.24 0.97 -17.10
N ILE A 384 14.00 2.06 -17.21
CA ILE A 384 13.55 3.20 -18.02
C ILE A 384 13.42 2.80 -19.48
N ASP A 385 14.22 1.83 -19.94
CA ASP A 385 14.11 1.39 -21.33
C ASP A 385 12.78 0.70 -21.57
N THR A 386 12.33 -0.11 -20.61
CA THR A 386 11.03 -0.75 -20.71
C THR A 386 9.91 0.28 -20.63
N LEU A 387 10.09 1.31 -19.81
CA LEU A 387 9.08 2.36 -19.72
C LEU A 387 8.96 3.15 -21.02
N LYS A 388 10.09 3.44 -21.67
CA LYS A 388 10.02 4.10 -22.98
C LYS A 388 9.17 3.28 -23.95
N ASP A 389 9.47 2.00 -24.06
CA ASP A 389 8.71 1.11 -24.92
C ASP A 389 7.22 1.13 -24.55
N ALA A 390 6.91 0.91 -23.26
CA ALA A 390 5.51 0.84 -22.83
C ALA A 390 4.76 2.13 -23.11
N LEU A 391 5.41 3.28 -22.88
CA LEU A 391 4.71 4.54 -23.13
C LEU A 391 4.54 4.80 -24.61
N ASN A 392 5.50 4.37 -25.43
CA ASN A 392 5.33 4.37 -26.88
C ASN A 392 4.10 3.57 -27.27
N ARG A 393 3.94 2.37 -26.70
CA ARG A 393 2.78 1.55 -27.01
C ARG A 393 1.49 2.21 -26.56
N LEU A 394 1.48 2.78 -25.35
CA LEU A 394 0.29 3.46 -24.87
C LEU A 394 -0.05 4.64 -25.76
N GLN A 395 0.96 5.40 -26.19
CA GLN A 395 0.72 6.53 -27.08
C GLN A 395 0.10 6.06 -28.39
N ARG A 396 0.65 4.99 -28.97
CA ARG A 396 0.07 4.46 -30.21
C ARG A 396 -1.36 3.98 -29.99
N PHE A 397 -1.61 3.27 -28.89
CA PHE A 397 -2.96 2.76 -28.66
C PHE A 397 -3.97 3.90 -28.52
N CYS A 398 -3.55 5.00 -27.89
CA CYS A 398 -4.45 6.10 -27.59
C CYS A 398 -4.58 7.09 -28.74
N SER A 399 -3.82 6.91 -29.81
CA SER A 399 -3.71 7.90 -30.88
C SER A 399 -4.96 7.97 -31.73
#